data_7QNS
#
_entry.id   7QNS
#
_cell.length_a   93.97
_cell.length_b   93.97
_cell.length_c   124.06
_cell.angle_alpha   90.00
_cell.angle_beta   90.00
_cell.angle_gamma   90.00
#
_symmetry.space_group_name_H-M   'P 43 21 2'
#
loop_
_entity.id
_entity.type
_entity.pdbx_description
1 polymer 'Cathepsin L2'
2 polymer VAL-TYR-GLU-LYS-LYS-PRO
3 non-polymer 'CHLORIDE ION'
4 non-polymer GLYCEROL
5 non-polymer 'trifluoroacetic acid'
6 non-polymer (4S)-2-METHYL-2,4-PENTANEDIOL
7 water water
#
loop_
_entity_poly.entity_id
_entity_poly.type
_entity_poly.pdbx_seq_one_letter_code
_entity_poly.pdbx_strand_id
1 'polypeptide(L)'
;DLPKSVDWRKKGYVTPVKNQKQCGSSWAFSATGALEGQMFRKTGKLVSLSEQNLVDCSRPQGNQGCNGGFMARAFQYVKE
NGGLDSEESYPYVAVDEICKYRPENSVAQDTGFTVVAPGKEKALMKAVATVGPISVAMDAGHSSFQFYKSGIYFEPDCSS
KNLDHGVLVVGYGFEGANSQNSKYWLVKNSWGPEWGSNGYVKIAKDKNNHCGIATAASYPNV
;
AA,BA
2 'polypeptide(L)' VYEKKP PC,PB,PA
#
# COMPACT_ATOMS: atom_id res chain seq x y z
N ASP A 1 19.89 10.35 13.74
CA ASP A 1 19.42 9.22 14.52
C ASP A 1 18.32 8.53 13.76
N LEU A 2 17.79 7.42 14.33
CA LEU A 2 16.76 6.68 13.61
C LEU A 2 15.40 7.36 13.57
N PRO A 3 14.72 7.28 12.43
CA PRO A 3 13.39 7.88 12.28
C PRO A 3 12.36 7.26 13.21
N LYS A 4 11.37 8.08 13.58
CA LYS A 4 10.29 7.63 14.44
C LYS A 4 9.40 6.59 13.74
N SER A 5 9.36 6.67 12.42
CA SER A 5 8.59 5.75 11.61
C SER A 5 9.18 5.78 10.23
N VAL A 6 8.93 4.69 9.49
CA VAL A 6 9.42 4.48 8.12
C VAL A 6 8.39 3.68 7.37
N ASP A 7 8.09 4.05 6.14
CA ASP A 7 7.19 3.22 5.34
C ASP A 7 7.69 3.29 3.92
N TRP A 8 8.45 2.26 3.50
CA TRP A 8 9.02 2.29 2.16
C TRP A 8 7.96 2.19 1.06
N ARG A 9 6.73 1.75 1.39
CA ARG A 9 5.67 1.70 0.40
C ARG A 9 5.36 3.11 -0.11
N LYS A 10 5.57 4.11 0.74
CA LYS A 10 5.29 5.52 0.39
C LYS A 10 6.36 6.14 -0.46
N LYS A 11 7.47 5.41 -0.68
CA LYS A 11 8.62 5.88 -1.43
C LYS A 11 8.83 5.16 -2.74
N GLY A 12 7.92 4.25 -3.11
CA GLY A 12 8.01 3.55 -4.40
C GLY A 12 8.78 2.28 -4.45
N TYR A 13 9.26 1.80 -3.29
CA TYR A 13 10.11 0.61 -3.18
C TYR A 13 9.41 -0.72 -3.17
N VAL A 14 8.07 -0.73 -3.06
CA VAL A 14 7.36 -1.98 -2.87
C VAL A 14 6.29 -2.26 -3.92
N THR A 15 6.29 -3.47 -4.46
CA THR A 15 5.31 -3.89 -5.43
C THR A 15 3.98 -4.24 -4.79
N PRO A 16 2.86 -4.36 -5.54
CA PRO A 16 1.58 -4.74 -4.95
C PRO A 16 1.70 -6.14 -4.34
N VAL A 17 0.82 -6.44 -3.40
CA VAL A 17 0.80 -7.73 -2.72
C VAL A 17 0.53 -8.89 -3.66
N LYS A 18 1.31 -9.97 -3.50
CA LYS A 18 1.22 -11.17 -4.36
C LYS A 18 0.63 -12.30 -3.57
N ASN A 19 0.35 -13.41 -4.21
CA ASN A 19 -0.26 -14.56 -3.56
C ASN A 19 0.49 -15.85 -3.93
N GLN A 20 1.12 -16.45 -2.93
CA GLN A 20 1.86 -17.70 -3.12
C GLN A 20 0.96 -18.92 -3.36
N LYS A 21 -0.34 -18.79 -3.03
CA LYS A 21 -1.34 -19.87 -3.17
C LYS A 21 -0.89 -21.11 -2.40
N GLN A 22 -1.22 -22.33 -2.88
N GLN A 22 -1.23 -22.28 -2.94
CA GLN A 22 -0.87 -23.54 -2.15
CA GLN A 22 -0.90 -23.51 -2.24
C GLN A 22 0.49 -24.11 -2.49
C GLN A 22 0.47 -24.09 -2.54
N CYS A 23 1.50 -23.31 -2.26
CA CYS A 23 2.89 -23.67 -2.51
C CYS A 23 3.66 -23.07 -1.37
N GLY A 24 4.61 -23.80 -0.78
CA GLY A 24 5.36 -23.31 0.37
C GLY A 24 6.53 -22.45 -0.05
N SER A 25 6.21 -21.35 -0.75
CA SER A 25 7.20 -20.48 -1.34
C SER A 25 7.30 -19.08 -0.71
N SER A 26 6.86 -18.93 0.55
CA SER A 26 6.92 -17.59 1.15
C SER A 26 8.34 -17.04 1.16
N TRP A 27 9.34 -17.92 1.28
CA TRP A 27 10.72 -17.50 1.24
C TRP A 27 11.07 -16.84 -0.08
N ALA A 28 10.46 -17.28 -1.20
CA ALA A 28 10.77 -16.70 -2.48
C ALA A 28 10.14 -15.32 -2.61
N PHE A 29 8.92 -15.15 -2.05
CA PHE A 29 8.26 -13.83 -2.07
C PHE A 29 8.99 -12.84 -1.19
N SER A 30 9.45 -13.32 -0.03
CA SER A 30 10.22 -12.43 0.83
C SER A 30 11.52 -11.96 0.14
N ALA A 31 12.20 -12.90 -0.56
CA ALA A 31 13.45 -12.55 -1.23
C ALA A 31 13.20 -11.65 -2.42
N THR A 32 12.15 -11.89 -3.27
CA THR A 32 11.91 -10.97 -4.38
C THR A 32 11.51 -9.61 -3.85
N GLY A 33 10.77 -9.55 -2.70
CA GLY A 33 10.38 -8.25 -2.15
C GLY A 33 11.63 -7.49 -1.75
N ALA A 34 12.58 -8.14 -1.10
CA ALA A 34 13.77 -7.41 -0.70
C ALA A 34 14.60 -6.94 -1.91
N LEU A 35 14.71 -7.82 -2.92
CA LEU A 35 15.44 -7.49 -4.13
C LEU A 35 14.74 -6.39 -4.91
N GLU A 36 13.40 -6.38 -4.94
CA GLU A 36 12.70 -5.30 -5.61
C GLU A 36 13.03 -3.96 -4.95
N GLY A 37 13.10 -3.92 -3.63
CA GLY A 37 13.42 -2.67 -2.96
C GLY A 37 14.84 -2.20 -3.26
N GLN A 38 15.80 -3.15 -3.26
CA GLN A 38 17.19 -2.74 -3.49
C GLN A 38 17.41 -2.37 -4.93
N MET A 39 16.76 -3.04 -5.90
CA MET A 39 16.94 -2.62 -7.27
C MET A 39 16.36 -1.24 -7.47
N PHE A 40 15.26 -0.94 -6.77
CA PHE A 40 14.66 0.38 -6.91
C PHE A 40 15.57 1.44 -6.34
N ARG A 41 16.18 1.16 -5.24
N ARG A 41 16.17 1.17 -5.26
CA ARG A 41 17.07 2.15 -4.69
CA ARG A 41 17.07 2.15 -4.70
C ARG A 41 18.26 2.41 -5.61
C ARG A 41 18.23 2.40 -5.64
N LYS A 42 18.73 1.36 -6.31
CA LYS A 42 19.88 1.47 -7.19
C LYS A 42 19.55 2.09 -8.55
N THR A 43 18.35 1.85 -9.08
CA THR A 43 18.03 2.32 -10.42
C THR A 43 16.85 3.27 -10.59
N GLY A 44 15.98 3.37 -9.57
CA GLY A 44 14.82 4.23 -9.73
C GLY A 44 13.65 3.56 -10.42
N LYS A 45 13.81 2.26 -10.78
CA LYS A 45 12.74 1.52 -11.45
C LYS A 45 12.26 0.37 -10.60
N LEU A 46 10.95 0.32 -10.42
CA LEU A 46 10.34 -0.76 -9.65
C LEU A 46 9.87 -1.82 -10.62
N VAL A 47 10.52 -2.98 -10.57
CA VAL A 47 10.17 -4.10 -11.46
C VAL A 47 9.87 -5.36 -10.66
N SER A 48 8.68 -5.91 -10.86
CA SER A 48 8.28 -7.11 -10.14
C SER A 48 9.20 -8.28 -10.53
N LEU A 49 9.73 -9.03 -9.55
CA LEU A 49 10.68 -10.13 -9.83
C LEU A 49 10.04 -11.48 -9.72
N SER A 50 10.66 -12.48 -10.35
CA SER A 50 10.11 -13.82 -10.42
C SER A 50 10.35 -14.79 -9.28
N GLU A 51 9.29 -15.04 -8.47
CA GLU A 51 9.36 -16.06 -7.44
C GLU A 51 9.49 -17.45 -8.07
N GLN A 52 8.84 -17.65 -9.24
CA GLN A 52 8.90 -18.98 -9.85
C GLN A 52 10.35 -19.32 -10.26
N ASN A 53 11.13 -18.30 -10.66
CA ASN A 53 12.51 -18.52 -11.03
C ASN A 53 13.24 -19.05 -9.82
N LEU A 54 12.96 -18.49 -8.63
CA LEU A 54 13.59 -19.01 -7.44
C LEU A 54 13.09 -20.40 -7.07
N VAL A 55 11.77 -20.63 -7.15
CA VAL A 55 11.24 -21.94 -6.79
C VAL A 55 11.84 -23.06 -7.67
N ASP A 56 11.87 -22.82 -8.97
CA ASP A 56 12.34 -23.84 -9.89
C ASP A 56 13.83 -24.04 -9.96
N CYS A 57 14.63 -22.99 -9.70
CA CYS A 57 16.08 -23.05 -9.94
C CYS A 57 17.02 -23.07 -8.76
N SER A 58 16.54 -22.85 -7.54
CA SER A 58 17.51 -22.76 -6.44
C SER A 58 17.67 -23.98 -5.53
N ARG A 59 17.27 -25.16 -6.04
CA ARG A 59 17.49 -26.41 -5.29
C ARG A 59 18.98 -26.65 -4.98
N PRO A 60 19.92 -26.40 -5.89
CA PRO A 60 21.34 -26.61 -5.60
C PRO A 60 21.85 -25.85 -4.40
N GLN A 61 21.27 -24.67 -4.14
CA GLN A 61 21.62 -23.82 -3.02
C GLN A 61 20.95 -24.23 -1.72
N GLY A 62 20.13 -25.30 -1.72
CA GLY A 62 19.47 -25.78 -0.53
C GLY A 62 17.99 -25.46 -0.34
N ASN A 63 17.33 -24.82 -1.36
CA ASN A 63 15.89 -24.55 -1.28
C ASN A 63 15.10 -25.77 -1.79
N GLN A 64 13.84 -25.89 -1.39
CA GLN A 64 13.04 -27.03 -1.80
C GLN A 64 11.76 -26.60 -2.48
N GLY A 65 11.78 -25.46 -3.22
CA GLY A 65 10.61 -25.04 -3.98
C GLY A 65 9.37 -24.84 -3.17
N CYS A 66 8.29 -25.55 -3.59
CA CYS A 66 7.02 -25.43 -2.88
C CYS A 66 7.03 -26.17 -1.54
N ASN A 67 8.14 -26.85 -1.24
CA ASN A 67 8.25 -27.53 0.05
C ASN A 67 9.08 -26.75 1.05
N GLY A 68 9.34 -25.46 0.76
CA GLY A 68 10.09 -24.66 1.71
C GLY A 68 11.43 -24.16 1.23
N GLY A 69 12.01 -23.18 1.94
CA GLY A 69 13.27 -22.61 1.51
C GLY A 69 13.66 -21.47 2.44
N PHE A 70 14.74 -20.82 2.11
CA PHE A 70 15.27 -19.76 2.95
C PHE A 70 15.68 -18.59 2.09
N MET A 71 15.41 -17.36 2.58
CA MET A 71 15.75 -16.17 1.81
C MET A 71 17.25 -16.05 1.57
N ALA A 72 18.08 -16.43 2.55
CA ALA A 72 19.52 -16.31 2.32
C ALA A 72 19.98 -17.25 1.20
N ARG A 73 19.36 -18.44 1.10
CA ARG A 73 19.73 -19.35 0.02
C ARG A 73 19.27 -18.78 -1.31
N ALA A 74 18.14 -18.03 -1.31
CA ALA A 74 17.71 -17.40 -2.53
C ALA A 74 18.64 -16.30 -2.97
N PHE A 75 19.14 -15.47 -2.00
CA PHE A 75 20.09 -14.43 -2.41
C PHE A 75 21.39 -15.07 -2.88
N GLN A 76 21.72 -16.24 -2.34
CA GLN A 76 22.93 -16.93 -2.78
C GLN A 76 22.73 -17.42 -4.19
N TYR A 77 21.54 -17.94 -4.49
CA TYR A 77 21.28 -18.39 -5.84
C TYR A 77 21.40 -17.22 -6.81
N VAL A 78 20.83 -16.04 -6.48
CA VAL A 78 20.91 -14.93 -7.43
C VAL A 78 22.36 -14.52 -7.66
N LYS A 79 23.19 -14.61 -6.61
CA LYS A 79 24.60 -14.27 -6.75
C LYS A 79 25.30 -15.27 -7.66
N GLU A 80 25.12 -16.57 -7.39
CA GLU A 80 25.81 -17.60 -8.18
C GLU A 80 25.32 -17.65 -9.57
N ASN A 81 24.03 -17.47 -9.75
CA ASN A 81 23.39 -17.47 -11.06
C ASN A 81 23.66 -16.26 -11.91
N GLY A 82 24.00 -15.14 -11.28
CA GLY A 82 24.27 -13.95 -12.06
C GLY A 82 23.06 -13.12 -12.45
N GLY A 83 21.87 -13.47 -11.92
CA GLY A 83 20.70 -12.73 -12.32
C GLY A 83 19.42 -13.38 -11.81
N LEU A 84 18.34 -12.69 -12.08
CA LEU A 84 16.99 -13.13 -11.72
C LEU A 84 16.05 -12.49 -12.69
N ASP A 85 15.12 -13.31 -13.21
CA ASP A 85 14.15 -12.84 -14.19
C ASP A 85 12.98 -12.03 -13.64
N SER A 86 12.36 -11.22 -14.49
CA SER A 86 11.18 -10.45 -14.12
C SER A 86 9.97 -11.35 -13.93
N GLU A 87 8.98 -10.89 -13.15
CA GLU A 87 7.76 -11.65 -12.92
C GLU A 87 7.02 -11.87 -14.24
N GLU A 88 7.03 -10.86 -15.09
CA GLU A 88 6.34 -11.02 -16.35
C GLU A 88 6.97 -12.04 -17.27
N SER A 89 8.28 -12.12 -17.29
CA SER A 89 8.92 -13.07 -18.20
C SER A 89 8.92 -14.49 -17.69
N TYR A 90 8.83 -14.69 -16.36
CA TYR A 90 8.89 -16.02 -15.73
C TYR A 90 7.76 -16.00 -14.71
N PRO A 91 6.52 -16.17 -15.15
CA PRO A 91 5.35 -16.14 -14.27
C PRO A 91 5.20 -17.20 -13.23
N TYR A 92 4.48 -16.79 -12.17
CA TYR A 92 4.23 -17.67 -11.04
C TYR A 92 3.08 -18.61 -11.23
N VAL A 93 3.32 -19.93 -11.06
CA VAL A 93 2.26 -20.93 -11.20
C VAL A 93 2.03 -21.79 -9.96
N ALA A 94 2.75 -21.49 -8.88
CA ALA A 94 2.56 -22.16 -7.58
C ALA A 94 2.72 -23.68 -7.54
N VAL A 95 3.63 -24.20 -8.37
CA VAL A 95 3.96 -25.63 -8.37
C VAL A 95 5.42 -25.71 -8.78
N ASP A 96 6.12 -26.78 -8.38
CA ASP A 96 7.52 -26.93 -8.77
C ASP A 96 7.62 -27.30 -10.22
N GLU A 97 8.39 -26.54 -10.98
CA GLU A 97 8.54 -26.79 -12.40
C GLU A 97 10.02 -26.80 -12.81
N ILE A 98 10.30 -27.10 -14.08
CA ILE A 98 11.67 -27.12 -14.59
C ILE A 98 12.26 -25.73 -14.56
N CYS A 99 13.53 -25.63 -14.19
CA CYS A 99 14.20 -24.33 -14.21
C CYS A 99 14.26 -23.80 -15.62
N LYS A 100 13.71 -22.62 -15.85
CA LYS A 100 13.69 -21.98 -17.13
C LYS A 100 14.31 -20.58 -17.05
N TYR A 101 15.37 -20.45 -16.25
CA TYR A 101 16.02 -19.14 -16.15
C TYR A 101 16.58 -18.70 -17.50
N ARG A 102 16.35 -17.46 -17.87
CA ARG A 102 16.82 -16.89 -19.11
C ARG A 102 17.61 -15.67 -18.80
N PRO A 103 18.92 -15.74 -19.03
CA PRO A 103 19.75 -14.57 -18.74
C PRO A 103 19.34 -13.31 -19.46
N GLU A 104 18.80 -13.39 -20.67
CA GLU A 104 18.41 -12.22 -21.44
C GLU A 104 17.22 -11.47 -20.77
N ASN A 105 16.51 -12.16 -19.87
CA ASN A 105 15.35 -11.54 -19.19
C ASN A 105 15.67 -11.12 -17.76
N SER A 106 16.93 -11.21 -17.38
CA SER A 106 17.29 -10.84 -16.01
C SER A 106 17.14 -9.33 -15.81
N VAL A 107 16.62 -8.93 -14.62
CA VAL A 107 16.46 -7.51 -14.33
C VAL A 107 16.95 -7.24 -12.93
N ALA A 108 17.61 -8.20 -12.29
CA ALA A 108 18.11 -7.98 -10.95
C ALA A 108 19.35 -8.79 -10.68
N GLN A 109 20.20 -8.33 -9.77
N GLN A 109 20.23 -8.34 -9.81
CA GLN A 109 21.42 -9.05 -9.43
CA GLN A 109 21.45 -9.04 -9.47
C GLN A 109 21.80 -8.76 -8.01
C GLN A 109 21.80 -8.76 -8.03
N ASP A 110 22.59 -9.63 -7.38
CA ASP A 110 23.11 -9.33 -6.06
C ASP A 110 24.48 -10.00 -5.93
N THR A 111 25.28 -9.46 -5.05
CA THR A 111 26.65 -9.93 -4.83
C THR A 111 26.72 -10.74 -3.56
N GLY A 112 25.56 -11.01 -2.95
CA GLY A 112 25.54 -11.69 -1.67
C GLY A 112 24.45 -11.05 -0.83
N PHE A 113 24.57 -11.18 0.46
CA PHE A 113 23.57 -10.62 1.35
C PHE A 113 24.19 -10.28 2.66
N THR A 114 23.50 -9.45 3.43
CA THR A 114 23.92 -9.02 4.75
C THR A 114 22.93 -9.57 5.76
N VAL A 115 23.39 -10.14 6.83
CA VAL A 115 22.48 -10.62 7.88
C VAL A 115 22.32 -9.55 8.95
N VAL A 116 21.10 -9.38 9.49
CA VAL A 116 20.89 -8.40 10.55
C VAL A 116 21.37 -9.05 11.80
N ALA A 117 22.43 -8.42 12.33
CA ALA A 117 23.10 -8.91 13.51
C ALA A 117 23.45 -7.75 14.41
N PRO A 118 23.16 -7.89 15.70
CA PRO A 118 22.55 -9.05 16.36
C PRO A 118 21.10 -9.22 16.00
N GLY A 119 20.56 -10.38 16.34
CA GLY A 119 19.15 -10.68 16.09
C GLY A 119 18.23 -9.98 17.09
N LYS A 120 18.33 -8.65 17.11
CA LYS A 120 17.64 -7.74 17.99
C LYS A 120 16.74 -6.81 17.23
N GLU A 121 15.60 -6.45 17.82
CA GLU A 121 14.70 -5.54 17.15
C GLU A 121 15.35 -4.19 16.85
N LYS A 122 16.24 -3.71 17.74
CA LYS A 122 16.85 -2.44 17.41
C LYS A 122 17.77 -2.49 16.17
N ALA A 123 18.41 -3.67 15.94
CA ALA A 123 19.27 -3.81 14.78
C ALA A 123 18.40 -3.87 13.55
N LEU A 124 17.24 -4.56 13.64
CA LEU A 124 16.33 -4.60 12.51
C LEU A 124 15.79 -3.20 12.19
N MET A 125 15.56 -2.41 13.25
CA MET A 125 15.06 -1.06 13.00
C MET A 125 16.12 -0.24 12.24
N LYS A 126 17.40 -0.41 12.61
CA LYS A 126 18.47 0.30 11.91
C LYS A 126 18.56 -0.13 10.47
N ALA A 127 18.43 -1.44 10.23
CA ALA A 127 18.50 -1.93 8.87
C ALA A 127 17.33 -1.41 8.03
N VAL A 128 16.08 -1.48 8.57
CA VAL A 128 14.90 -0.99 7.84
C VAL A 128 15.04 0.50 7.53
N ALA A 129 15.49 1.26 8.50
CA ALA A 129 15.62 2.69 8.28
C ALA A 129 16.69 3.10 7.29
N THR A 130 17.78 2.33 7.20
CA THR A 130 18.88 2.74 6.32
C THR A 130 18.98 2.06 4.98
N VAL A 131 18.39 0.87 4.84
CA VAL A 131 18.53 0.07 3.64
C VAL A 131 17.34 0.03 2.73
N GLY A 132 16.16 -0.23 3.32
CA GLY A 132 14.94 -0.42 2.56
C GLY A 132 14.26 -1.63 3.18
N PRO A 133 13.31 -2.23 2.46
CA PRO A 133 12.57 -3.42 2.99
C PRO A 133 13.56 -4.55 3.30
N ILE A 134 13.30 -5.29 4.37
CA ILE A 134 14.20 -6.33 4.85
C ILE A 134 13.48 -7.65 4.86
N SER A 135 14.10 -8.73 4.37
CA SER A 135 13.50 -10.06 4.47
C SER A 135 13.60 -10.56 5.91
N VAL A 136 12.52 -11.16 6.42
CA VAL A 136 12.53 -11.72 7.74
C VAL A 136 11.72 -12.98 7.81
N ALA A 137 12.06 -13.81 8.80
CA ALA A 137 11.31 -15.02 9.06
C ALA A 137 10.45 -14.78 10.30
N MET A 138 9.31 -15.41 10.35
CA MET A 138 8.44 -15.27 11.50
C MET A 138 7.67 -16.55 11.78
N ASP A 139 7.04 -16.60 12.96
CA ASP A 139 6.19 -17.73 13.32
C ASP A 139 4.78 -17.34 12.93
N ALA A 140 4.31 -17.78 11.77
CA ALA A 140 2.98 -17.48 11.28
C ALA A 140 2.03 -18.67 11.46
N GLY A 141 2.50 -19.72 12.16
CA GLY A 141 1.71 -20.92 12.37
C GLY A 141 0.58 -20.82 13.38
N HIS A 142 -0.35 -19.87 13.19
CA HIS A 142 -1.45 -19.67 14.14
C HIS A 142 -2.72 -19.27 13.45
N SER A 143 -3.86 -19.80 13.94
CA SER A 143 -5.14 -19.43 13.36
C SER A 143 -5.40 -17.96 13.52
N SER A 144 -4.88 -17.38 14.61
CA SER A 144 -5.13 -15.97 14.80
C SER A 144 -4.47 -15.14 13.69
N PHE A 145 -3.37 -15.66 13.13
CA PHE A 145 -2.71 -14.94 12.04
C PHE A 145 -3.47 -15.14 10.75
N GLN A 146 -4.02 -16.33 10.54
CA GLN A 146 -4.77 -16.56 9.34
C GLN A 146 -6.01 -15.67 9.27
N PHE A 147 -6.61 -15.39 10.43
CA PHE A 147 -7.82 -14.58 10.43
C PHE A 147 -7.62 -13.15 10.82
N TYR A 148 -6.37 -12.72 10.93
CA TYR A 148 -6.06 -11.34 11.27
C TYR A 148 -6.67 -10.37 10.24
N LYS A 149 -7.22 -9.24 10.72
CA LYS A 149 -7.79 -8.25 9.81
C LYS A 149 -7.14 -6.90 9.98
N SER A 150 -7.07 -6.38 11.22
CA SER A 150 -6.46 -5.05 11.38
C SER A 150 -5.96 -4.84 12.78
N GLY A 151 -5.23 -3.76 13.03
CA GLY A 151 -4.70 -3.54 14.36
C GLY A 151 -3.33 -4.14 14.59
N ILE A 152 -2.83 -4.05 15.78
CA ILE A 152 -1.52 -4.60 16.09
C ILE A 152 -1.66 -6.04 16.48
N TYR A 153 -1.03 -6.93 15.72
CA TYR A 153 -1.06 -8.35 15.99
C TYR A 153 -0.13 -8.73 17.10
N PHE A 154 -0.71 -9.45 18.10
CA PHE A 154 0.03 -9.99 19.22
C PHE A 154 -0.60 -11.34 19.56
N GLU A 155 0.23 -12.36 19.63
CA GLU A 155 -0.18 -13.72 19.85
C GLU A 155 0.67 -14.35 20.91
N PRO A 156 0.08 -14.67 22.07
CA PRO A 156 0.85 -15.29 23.14
C PRO A 156 1.54 -16.57 22.74
N ASP A 157 0.96 -17.32 21.80
CA ASP A 157 1.57 -18.58 21.38
C ASP A 157 2.77 -18.39 20.43
N CYS A 158 3.04 -17.17 20.00
CA CYS A 158 4.14 -16.96 19.07
C CYS A 158 5.50 -17.28 19.61
N SER A 159 6.31 -17.91 18.77
CA SER A 159 7.67 -18.26 19.10
C SER A 159 8.62 -17.25 18.46
N SER A 160 9.71 -16.94 19.14
CA SER A 160 10.72 -16.06 18.57
C SER A 160 11.82 -16.91 17.98
N LYS A 161 11.77 -18.23 18.17
CA LYS A 161 12.84 -19.09 17.70
C LYS A 161 12.43 -20.11 16.66
N ASN A 162 11.22 -20.66 16.76
CA ASN A 162 10.77 -21.68 15.82
C ASN A 162 9.93 -20.97 14.79
N LEU A 163 10.55 -20.63 13.66
CA LEU A 163 9.91 -19.85 12.61
C LEU A 163 9.51 -20.68 11.42
N ASP A 164 8.45 -20.26 10.71
CA ASP A 164 7.96 -21.09 9.61
C ASP A 164 7.50 -20.32 8.39
N HIS A 165 7.74 -19.02 8.34
CA HIS A 165 7.20 -18.26 7.22
C HIS A 165 8.08 -17.07 6.90
N GLY A 166 8.37 -16.83 5.64
CA GLY A 166 9.17 -15.66 5.27
C GLY A 166 8.26 -14.55 4.81
N VAL A 167 8.58 -13.33 5.30
CA VAL A 167 7.80 -12.11 5.02
C VAL A 167 8.75 -10.95 4.80
N LEU A 168 8.20 -9.75 4.57
CA LEU A 168 9.03 -8.61 4.25
C LEU A 168 8.72 -7.44 5.18
N VAL A 169 9.68 -6.93 5.92
CA VAL A 169 9.41 -5.76 6.74
C VAL A 169 9.64 -4.53 5.86
N VAL A 170 8.55 -3.76 5.61
CA VAL A 170 8.64 -2.59 4.76
C VAL A 170 8.69 -1.29 5.57
N GLY A 171 8.65 -1.38 6.89
CA GLY A 171 8.70 -0.16 7.69
C GLY A 171 8.31 -0.46 9.11
N TYR A 172 8.10 0.62 9.88
CA TYR A 172 7.68 0.50 11.24
C TYR A 172 7.00 1.80 11.63
N GLY A 173 6.19 1.73 12.65
CA GLY A 173 5.45 2.92 13.05
C GLY A 173 4.92 2.80 14.45
N PHE A 174 3.99 3.69 14.73
CA PHE A 174 3.37 3.75 16.03
C PHE A 174 1.99 4.34 15.87
N GLU A 175 1.14 4.02 16.81
CA GLU A 175 -0.21 4.58 16.78
C GLU A 175 -0.23 5.78 17.64
N GLY A 176 -1.01 6.78 17.30
CA GLY A 176 -1.09 7.92 18.19
C GLY A 176 0.01 8.93 17.96
N ALA A 177 0.03 9.96 18.81
CA ALA A 177 1.02 11.02 18.69
C ALA A 177 2.37 10.70 19.34
N ASN A 178 2.41 9.68 20.18
CA ASN A 178 3.63 9.29 20.88
C ASN A 178 4.38 8.24 20.10
N SER A 179 5.64 8.52 19.77
CA SER A 179 6.39 7.55 18.94
C SER A 179 6.87 6.37 19.72
N GLN A 180 6.79 6.41 21.04
CA GLN A 180 7.38 5.29 21.78
C GLN A 180 6.41 4.26 22.31
N ASN A 181 5.14 4.32 21.92
CA ASN A 181 4.30 3.20 22.36
C ASN A 181 3.33 2.84 21.26
N SER A 182 2.69 1.68 21.40
CA SER A 182 1.81 1.09 20.40
C SER A 182 2.60 0.98 19.09
N LYS A 183 3.86 0.57 19.23
CA LYS A 183 4.75 0.41 18.07
C LYS A 183 4.48 -0.86 17.31
N TYR A 184 4.75 -0.82 16.02
CA TYR A 184 4.53 -2.00 15.20
C TYR A 184 5.49 -2.04 14.02
N TRP A 185 5.68 -3.25 13.51
CA TRP A 185 6.46 -3.50 12.30
C TRP A 185 5.42 -3.55 11.18
N LEU A 186 5.72 -2.93 10.03
CA LEU A 186 4.84 -3.03 8.86
C LEU A 186 5.33 -4.24 8.06
N VAL A 187 4.52 -5.30 7.97
CA VAL A 187 4.94 -6.54 7.32
C VAL A 187 4.11 -6.88 6.13
N LYS A 188 4.75 -7.05 4.95
CA LYS A 188 4.09 -7.47 3.72
C LYS A 188 4.03 -8.99 3.71
N ASN A 189 2.87 -9.57 3.54
CA ASN A 189 2.73 -11.00 3.47
C ASN A 189 2.56 -11.39 1.98
N SER A 190 2.47 -12.72 1.70
CA SER A 190 2.29 -13.22 0.34
C SER A 190 1.06 -14.11 0.23
N TRP A 191 -0.02 -13.71 0.92
CA TRP A 191 -1.29 -14.47 0.91
C TRP A 191 -2.34 -13.71 0.16
N GLY A 192 -1.94 -12.76 -0.69
CA GLY A 192 -2.91 -12.00 -1.46
C GLY A 192 -3.37 -10.76 -0.71
N PRO A 193 -3.87 -9.74 -1.46
CA PRO A 193 -4.36 -8.48 -0.85
C PRO A 193 -5.61 -8.67 0.00
N GLU A 194 -6.31 -9.77 -0.21
CA GLU A 194 -7.51 -10.04 0.57
C GLU A 194 -7.23 -10.55 1.96
N TRP A 195 -6.01 -11.04 2.23
CA TRP A 195 -5.67 -11.50 3.56
C TRP A 195 -5.29 -10.32 4.41
N GLY A 196 -5.54 -10.37 5.71
CA GLY A 196 -5.05 -9.31 6.57
C GLY A 196 -5.48 -7.91 6.22
N SER A 197 -4.58 -6.95 6.44
CA SER A 197 -4.88 -5.56 6.19
C SER A 197 -4.34 -5.21 4.81
N ASN A 198 -5.14 -5.42 3.77
CA ASN A 198 -4.69 -5.18 2.40
C ASN A 198 -3.41 -6.00 2.08
N GLY A 199 -3.28 -7.17 2.72
CA GLY A 199 -2.11 -8.03 2.47
C GLY A 199 -0.99 -7.85 3.44
N TYR A 200 -1.15 -6.86 4.34
CA TYR A 200 -0.18 -6.51 5.33
C TYR A 200 -0.62 -6.85 6.72
N VAL A 201 0.33 -6.81 7.64
CA VAL A 201 0.04 -7.00 9.05
C VAL A 201 0.94 -6.07 9.85
N LYS A 202 0.40 -5.51 10.96
CA LYS A 202 1.16 -4.71 11.88
C LYS A 202 1.54 -5.65 12.97
N ILE A 203 2.80 -6.02 13.11
CA ILE A 203 3.24 -6.94 14.16
C ILE A 203 3.76 -6.10 15.29
N ALA A 204 3.37 -6.47 16.53
CA ALA A 204 3.82 -5.69 17.67
C ALA A 204 5.31 -5.59 17.68
N LYS A 205 5.79 -4.37 17.94
CA LYS A 205 7.20 -4.02 17.93
C LYS A 205 7.64 -3.65 19.34
N ASP A 206 8.87 -4.02 19.71
CA ASP A 206 9.40 -3.80 21.06
C ASP A 206 8.59 -4.60 22.06
N LYS A 207 8.16 -5.79 21.68
CA LYS A 207 7.46 -6.69 22.58
C LYS A 207 8.22 -8.01 22.51
N ASN A 208 9.52 -7.93 22.86
CA ASN A 208 10.42 -9.05 22.91
C ASN A 208 10.56 -9.84 21.65
N ASN A 209 10.78 -9.14 20.52
CA ASN A 209 11.00 -9.83 19.24
C ASN A 209 9.82 -10.75 18.97
N HIS A 210 8.62 -10.14 18.98
CA HIS A 210 7.41 -10.92 18.84
C HIS A 210 7.34 -11.67 17.52
N CYS A 211 7.03 -12.96 17.58
CA CYS A 211 6.95 -13.89 16.45
C CYS A 211 8.29 -14.03 15.74
N GLY A 212 9.41 -13.60 16.38
CA GLY A 212 10.71 -13.84 15.76
C GLY A 212 11.11 -12.91 14.64
N ILE A 213 10.44 -11.75 14.48
CA ILE A 213 10.76 -10.94 13.31
C ILE A 213 12.24 -10.52 13.18
N ALA A 214 12.97 -10.37 14.30
CA ALA A 214 14.36 -9.96 14.18
C ALA A 214 15.34 -11.14 14.29
N THR A 215 14.83 -12.35 14.41
CA THR A 215 15.70 -13.53 14.60
C THR A 215 16.51 -13.92 13.37
N ALA A 216 15.96 -13.81 12.16
CA ALA A 216 16.65 -14.25 10.94
C ALA A 216 16.33 -13.31 9.79
N ALA A 217 16.79 -12.10 9.94
CA ALA A 217 16.56 -11.03 8.98
C ALA A 217 17.75 -10.82 8.09
N SER A 218 17.54 -10.52 6.82
CA SER A 218 18.65 -10.33 5.90
C SER A 218 18.23 -9.48 4.72
N TYR A 219 19.19 -8.94 3.95
CA TYR A 219 18.85 -8.22 2.74
C TYR A 219 19.93 -8.42 1.70
N PRO A 220 19.58 -8.41 0.42
CA PRO A 220 20.57 -8.59 -0.66
C PRO A 220 21.48 -7.40 -0.84
N ASN A 221 22.71 -7.63 -1.26
CA ASN A 221 23.63 -6.54 -1.52
C ASN A 221 23.64 -6.32 -2.97
N VAL A 222 23.22 -5.14 -3.45
CA VAL A 222 23.16 -4.93 -4.90
C VAL A 222 24.16 -3.87 -5.39
N LEU B 2 -15.73 -1.66 -21.86
CA LEU B 2 -15.11 -1.52 -20.54
C LEU B 2 -15.02 -2.83 -19.77
N PRO B 3 -13.92 -3.03 -19.02
CA PRO B 3 -13.69 -4.23 -18.20
C PRO B 3 -14.74 -4.37 -17.12
N LYS B 4 -15.07 -5.59 -16.70
CA LYS B 4 -16.12 -5.76 -15.71
C LYS B 4 -15.62 -5.47 -14.31
N SER B 5 -14.30 -5.32 -14.18
CA SER B 5 -13.77 -4.91 -12.89
C SER B 5 -12.41 -4.31 -13.08
N VAL B 6 -12.04 -3.45 -12.17
CA VAL B 6 -10.79 -2.71 -12.23
C VAL B 6 -10.31 -2.53 -10.81
N ASP B 7 -9.01 -2.61 -10.60
CA ASP B 7 -8.46 -2.36 -9.27
C ASP B 7 -7.09 -1.82 -9.46
N TRP B 8 -6.96 -0.49 -9.42
CA TRP B 8 -5.67 0.13 -9.63
C TRP B 8 -4.64 -0.22 -8.56
N ARG B 9 -5.07 -0.72 -7.39
CA ARG B 9 -4.07 -1.10 -6.41
C ARG B 9 -3.18 -2.19 -6.94
N LYS B 10 -3.71 -3.02 -7.82
CA LYS B 10 -2.92 -4.14 -8.34
C LYS B 10 -1.89 -3.72 -9.30
N LYS B 11 -1.95 -2.46 -9.80
CA LYS B 11 -0.97 -1.97 -10.76
C LYS B 11 0.05 -1.00 -10.23
N GLY B 12 0.05 -0.78 -8.89
CA GLY B 12 1.03 0.11 -8.30
C GLY B 12 0.71 1.59 -8.23
N TYR B 13 -0.56 1.94 -8.52
CA TYR B 13 -1.04 3.33 -8.52
C TYR B 13 -1.46 3.91 -7.17
N VAL B 14 -1.56 3.07 -6.13
CA VAL B 14 -2.13 3.50 -4.86
C VAL B 14 -1.22 3.33 -3.64
N THR B 15 -1.06 4.40 -2.87
CA THR B 15 -0.28 4.40 -1.63
C THR B 15 -1.08 3.76 -0.51
N PRO B 16 -0.45 3.45 0.63
CA PRO B 16 -1.20 2.83 1.73
C PRO B 16 -2.35 3.74 2.26
N VAL B 17 -3.29 3.15 2.96
CA VAL B 17 -4.35 3.91 3.60
C VAL B 17 -3.74 4.84 4.62
N LYS B 18 -4.18 6.11 4.62
CA LYS B 18 -3.68 7.14 5.52
C LYS B 18 -4.77 7.51 6.51
N ASN B 19 -4.47 8.37 7.47
CA ASN B 19 -5.45 8.73 8.51
C ASN B 19 -5.45 10.21 8.74
N GLN B 20 -6.53 10.89 8.35
CA GLN B 20 -6.68 12.32 8.55
C GLN B 20 -6.84 12.71 10.01
N LYS B 21 -7.22 11.74 10.86
CA LYS B 21 -7.44 12.00 12.27
C LYS B 21 -8.47 13.11 12.48
N GLN B 22 -8.34 13.88 13.56
CA GLN B 22 -9.33 14.90 13.87
C GLN B 22 -9.09 16.26 13.21
N CYS B 23 -9.14 16.26 11.88
CA CYS B 23 -8.93 17.41 11.05
C CYS B 23 -9.82 17.19 9.83
N GLY B 24 -10.61 18.19 9.37
CA GLY B 24 -11.53 18.02 8.22
C GLY B 24 -10.79 18.19 6.92
N SER B 25 -9.81 17.28 6.67
CA SER B 25 -8.93 17.33 5.52
C SER B 25 -9.16 16.20 4.55
N SER B 26 -10.34 15.53 4.54
CA SER B 26 -10.48 14.43 3.58
C SER B 26 -10.25 14.90 2.14
N TRP B 27 -10.57 16.17 1.83
CA TRP B 27 -10.37 16.72 0.51
C TRP B 27 -8.92 16.64 0.10
N ALA B 28 -8.01 16.82 1.06
CA ALA B 28 -6.59 16.80 0.77
C ALA B 28 -6.14 15.38 0.50
N PHE B 29 -6.66 14.40 1.26
CA PHE B 29 -6.30 13.01 1.01
C PHE B 29 -6.83 12.49 -0.31
N SER B 30 -8.05 12.91 -0.67
CA SER B 30 -8.61 12.49 -1.92
C SER B 30 -7.77 13.07 -3.06
N ALA B 31 -7.34 14.35 -2.92
CA ALA B 31 -6.54 14.98 -3.98
C ALA B 31 -5.16 14.35 -4.08
N THR B 32 -4.48 14.12 -2.93
CA THR B 32 -3.17 13.49 -3.07
C THR B 32 -3.33 12.06 -3.63
N GLY B 33 -4.43 11.35 -3.35
CA GLY B 33 -4.58 10.00 -3.90
C GLY B 33 -4.67 10.04 -5.42
N ALA B 34 -5.45 10.99 -5.96
CA ALA B 34 -5.56 11.08 -7.41
C ALA B 34 -4.26 11.51 -8.03
N LEU B 35 -3.56 12.48 -7.44
CA LEU B 35 -2.27 12.93 -7.97
C LEU B 35 -1.20 11.83 -7.87
N GLU B 36 -1.26 11.00 -6.80
CA GLU B 36 -0.30 9.92 -6.65
C GLU B 36 -0.46 8.95 -7.81
N GLY B 37 -1.72 8.66 -8.19
CA GLY B 37 -1.94 7.73 -9.29
C GLY B 37 -1.49 8.31 -10.63
N GLN B 38 -1.74 9.61 -10.90
CA GLN B 38 -1.33 10.20 -12.19
C GLN B 38 0.18 10.35 -12.26
N MET B 39 0.83 10.71 -11.16
CA MET B 39 2.28 10.83 -11.20
C MET B 39 2.93 9.46 -11.42
N PHE B 40 2.33 8.40 -10.84
CA PHE B 40 2.86 7.05 -11.01
C PHE B 40 2.74 6.68 -12.49
N ARG B 41 1.58 6.97 -13.11
CA ARG B 41 1.41 6.63 -14.52
C ARG B 41 2.43 7.35 -15.36
N LYS B 42 2.82 8.55 -14.97
CA LYS B 42 3.78 9.32 -15.75
C LYS B 42 5.24 8.95 -15.54
N THR B 43 5.60 8.48 -14.33
CA THR B 43 7.01 8.22 -14.03
C THR B 43 7.38 6.82 -13.58
N GLY B 44 6.42 6.03 -13.13
CA GLY B 44 6.75 4.71 -12.63
C GLY B 44 7.17 4.74 -11.17
N LYS B 45 7.12 5.93 -10.53
CA LYS B 45 7.48 6.03 -9.12
C LYS B 45 6.28 6.41 -8.31
N LEU B 46 5.94 5.56 -7.35
CA LEU B 46 4.82 5.81 -6.44
C LEU B 46 5.37 6.53 -5.24
N VAL B 47 5.05 7.82 -5.11
CA VAL B 47 5.58 8.62 -4.01
C VAL B 47 4.44 9.31 -3.26
N SER B 48 4.34 9.06 -1.97
CA SER B 48 3.30 9.66 -1.16
C SER B 48 3.46 11.17 -1.13
N LEU B 49 2.33 11.87 -1.34
CA LEU B 49 2.31 13.33 -1.39
C LEU B 49 1.80 13.94 -0.10
N SER B 50 2.15 15.18 0.11
CA SER B 50 1.85 15.85 1.36
C SER B 50 0.49 16.49 1.55
N GLU B 51 -0.40 15.84 2.31
CA GLU B 51 -1.68 16.47 2.64
C GLU B 51 -1.44 17.72 3.50
N GLN B 52 -0.39 17.72 4.31
CA GLN B 52 -0.14 18.87 5.18
C GLN B 52 0.19 20.07 4.36
N ASN B 53 0.91 19.88 3.25
CA ASN B 53 1.26 20.98 2.37
C ASN B 53 -0.07 21.58 1.84
N LEU B 54 -1.02 20.72 1.46
CA LEU B 54 -2.31 21.24 0.99
C LEU B 54 -3.09 21.92 2.10
N VAL B 55 -3.11 21.36 3.29
CA VAL B 55 -3.87 21.98 4.39
C VAL B 55 -3.28 23.32 4.75
N ASP B 56 -1.97 23.42 4.90
CA ASP B 56 -1.33 24.67 5.30
C ASP B 56 -1.25 25.76 4.25
N CYS B 57 -1.18 25.38 2.97
CA CYS B 57 -0.92 26.37 1.91
C CYS B 57 -2.02 26.71 0.93
N SER B 58 -3.16 26.01 0.91
CA SER B 58 -4.11 26.31 -0.18
C SER B 58 -5.29 27.18 0.17
N ARG B 59 -5.19 27.93 1.26
CA ARG B 59 -6.25 28.91 1.58
C ARG B 59 -6.44 29.92 0.44
N PRO B 60 -5.40 30.43 -0.25
CA PRO B 60 -5.67 31.41 -1.33
C PRO B 60 -6.60 30.87 -2.39
N GLN B 61 -6.57 29.56 -2.63
CA GLN B 61 -7.41 28.88 -3.58
C GLN B 61 -8.81 28.59 -3.06
N GLY B 62 -9.10 28.93 -1.78
CA GLY B 62 -10.44 28.73 -1.26
C GLY B 62 -10.64 27.52 -0.36
N ASN B 63 -9.55 26.82 -0.01
CA ASN B 63 -9.66 25.72 0.94
C ASN B 63 -9.56 26.26 2.35
N GLN B 64 -10.06 25.54 3.35
CA GLN B 64 -10.01 26.03 4.71
C GLN B 64 -9.31 25.07 5.67
N GLY B 65 -8.26 24.39 5.18
CA GLY B 65 -7.46 23.51 6.03
C GLY B 65 -8.28 22.44 6.72
N CYS B 66 -8.20 22.40 8.09
CA CYS B 66 -8.93 21.38 8.86
C CYS B 66 -10.45 21.67 8.92
N ASN B 67 -10.88 22.84 8.39
N ASN B 67 -10.85 22.85 8.41
CA ASN B 67 -12.29 23.20 8.35
CA ASN B 67 -12.27 23.19 8.43
C ASN B 67 -12.97 22.84 7.05
C ASN B 67 -12.94 22.86 7.10
N GLY B 68 -12.27 22.10 6.20
CA GLY B 68 -12.87 21.66 4.95
C GLY B 68 -12.26 22.25 3.71
N GLY B 69 -12.60 21.65 2.58
CA GLY B 69 -12.06 22.08 1.31
C GLY B 69 -12.57 21.23 0.16
N PHE B 70 -11.95 21.45 -1.02
CA PHE B 70 -12.35 20.79 -2.25
C PHE B 70 -11.18 20.25 -2.99
N MET B 71 -11.33 19.04 -3.56
CA MET B 71 -10.21 18.46 -4.33
C MET B 71 -9.84 19.33 -5.52
N ALA B 72 -10.84 19.94 -6.18
CA ALA B 72 -10.50 20.78 -7.32
C ALA B 72 -9.68 21.99 -6.91
N ARG B 73 -9.95 22.55 -5.71
CA ARG B 73 -9.16 23.70 -5.29
C ARG B 73 -7.74 23.26 -4.97
N ALA B 74 -7.60 21.98 -4.52
CA ALA B 74 -6.26 21.47 -4.25
C ALA B 74 -5.48 21.33 -5.54
N PHE B 75 -6.13 20.79 -6.60
CA PHE B 75 -5.42 20.68 -7.88
C PHE B 75 -5.09 22.08 -8.42
N GLN B 76 -5.97 23.06 -8.13
CA GLN B 76 -5.69 24.42 -8.59
C GLN B 76 -4.47 24.97 -7.87
N TYR B 77 -4.33 24.64 -6.56
CA TYR B 77 -3.17 25.10 -5.83
C TYR B 77 -1.88 24.51 -6.38
N VAL B 78 -1.89 23.20 -6.69
CA VAL B 78 -0.64 22.63 -7.18
C VAL B 78 -0.22 23.33 -8.51
N LYS B 79 -1.20 23.64 -9.37
CA LYS B 79 -0.90 24.32 -10.62
C LYS B 79 -0.35 25.71 -10.38
N GLU B 80 -1.04 26.51 -9.55
CA GLU B 80 -0.59 27.88 -9.33
C GLU B 80 0.72 27.97 -8.61
N ASN B 81 0.96 26.96 -7.75
CA ASN B 81 2.15 26.91 -6.96
C ASN B 81 3.35 26.35 -7.68
N GLY B 82 3.10 25.60 -8.74
CA GLY B 82 4.19 25.00 -9.50
C GLY B 82 4.78 23.75 -8.89
N GLY B 83 4.10 23.17 -7.85
CA GLY B 83 4.64 21.97 -7.22
C GLY B 83 3.85 21.59 -5.98
N LEU B 84 4.22 20.45 -5.41
CA LEU B 84 3.63 19.87 -4.18
C LEU B 84 4.69 18.99 -3.56
N ASP B 85 4.94 19.17 -2.27
CA ASP B 85 5.96 18.39 -1.57
C ASP B 85 5.59 16.97 -1.28
N SER B 86 6.62 16.12 -1.15
CA SER B 86 6.43 14.73 -0.75
C SER B 86 5.99 14.69 0.73
N GLU B 87 5.26 13.62 1.10
N GLU B 87 5.28 13.62 1.06
CA GLU B 87 4.90 13.44 2.49
CA GLU B 87 4.91 13.44 2.44
C GLU B 87 6.15 13.29 3.33
C GLU B 87 6.14 13.31 3.31
N GLU B 88 7.19 12.65 2.77
CA GLU B 88 8.43 12.49 3.53
C GLU B 88 9.03 13.82 3.92
N SER B 89 8.94 14.81 3.05
CA SER B 89 9.54 16.11 3.35
C SER B 89 8.64 17.02 4.20
N TYR B 90 7.32 16.82 4.10
CA TYR B 90 6.31 17.67 4.74
C TYR B 90 5.25 16.77 5.39
N PRO B 91 5.54 16.20 6.55
CA PRO B 91 4.64 15.30 7.26
C PRO B 91 3.34 15.86 7.79
N TYR B 92 2.38 14.93 7.90
CA TYR B 92 1.04 15.24 8.36
C TYR B 92 0.90 15.24 9.86
N VAL B 93 0.38 16.34 10.43
CA VAL B 93 0.17 16.42 11.87
C VAL B 93 -1.29 16.65 12.26
N ALA B 94 -2.18 16.64 11.27
CA ALA B 94 -3.63 16.76 11.50
C ALA B 94 -4.08 18.02 12.22
N VAL B 95 -3.41 19.16 11.98
CA VAL B 95 -3.79 20.46 12.51
C VAL B 95 -3.46 21.49 11.48
N ASP B 96 -4.10 22.66 11.54
N ASP B 96 -4.07 22.61 11.61
CA ASP B 96 -3.83 23.76 10.61
CA ASP B 96 -3.83 23.70 10.69
C ASP B 96 -2.55 24.44 10.99
C ASP B 96 -2.55 24.45 11.03
N GLU B 97 -1.58 24.50 10.10
CA GLU B 97 -0.31 25.16 10.42
C GLU B 97 0.11 26.13 9.34
N ILE B 98 1.22 26.86 9.62
CA ILE B 98 1.75 27.83 8.65
C ILE B 98 2.34 27.12 7.45
N CYS B 99 2.15 27.67 6.25
CA CYS B 99 2.69 27.05 5.06
C CYS B 99 4.21 26.94 5.11
N LYS B 100 4.73 25.76 4.76
CA LYS B 100 6.16 25.51 4.78
C LYS B 100 6.66 24.93 3.47
N TYR B 101 5.94 25.21 2.39
CA TYR B 101 6.32 24.64 1.09
C TYR B 101 7.71 24.99 0.61
N ARG B 102 8.43 24.00 0.09
CA ARG B 102 9.74 24.21 -0.48
C ARG B 102 9.82 23.63 -1.86
N PRO B 103 10.12 24.42 -2.90
CA PRO B 103 10.21 23.85 -4.24
C PRO B 103 11.22 22.73 -4.39
N GLU B 104 12.33 22.76 -3.64
CA GLU B 104 13.32 21.70 -3.82
C GLU B 104 12.78 20.34 -3.43
N ASN B 105 11.69 20.31 -2.62
CA ASN B 105 11.10 19.04 -2.21
C ASN B 105 9.87 18.65 -2.98
N SER B 106 9.55 19.40 -4.04
CA SER B 106 8.38 19.07 -4.84
C SER B 106 8.62 17.80 -5.64
N VAL B 107 7.58 16.96 -5.76
CA VAL B 107 7.66 15.73 -6.52
C VAL B 107 6.41 15.55 -7.36
N ALA B 108 5.62 16.62 -7.52
CA ALA B 108 4.40 16.52 -8.30
C ALA B 108 4.04 17.88 -8.88
N GLN B 109 3.33 17.84 -10.02
CA GLN B 109 2.85 19.04 -10.72
C GLN B 109 1.58 18.67 -11.44
N ASP B 110 0.73 19.68 -11.70
CA ASP B 110 -0.44 19.44 -12.52
C ASP B 110 -0.78 20.77 -13.22
N THR B 111 -1.48 20.66 -14.34
CA THR B 111 -1.82 21.83 -15.16
C THR B 111 -3.27 22.20 -15.01
N GLY B 112 -3.95 21.57 -14.05
CA GLY B 112 -5.37 21.82 -13.88
C GLY B 112 -6.05 20.50 -13.58
N PHE B 113 -7.32 20.38 -13.91
CA PHE B 113 -8.05 19.15 -13.62
C PHE B 113 -9.19 18.95 -14.58
N THR B 114 -9.71 17.72 -14.61
CA THR B 114 -10.84 17.34 -15.43
C THR B 114 -12.00 16.90 -14.59
N VAL B 115 -13.20 17.38 -14.90
CA VAL B 115 -14.39 16.99 -14.20
C VAL B 115 -15.17 15.94 -14.95
N VAL B 116 -15.52 14.84 -14.28
CA VAL B 116 -16.34 13.81 -14.86
C VAL B 116 -17.77 14.30 -15.00
N ALA B 117 -18.49 13.91 -16.09
CA ALA B 117 -19.87 14.38 -16.26
C ALA B 117 -20.66 14.14 -14.97
N PRO B 118 -21.20 15.20 -14.33
CA PRO B 118 -21.94 14.99 -13.07
C PRO B 118 -23.15 14.08 -13.09
N GLY B 119 -23.21 13.25 -12.03
CA GLY B 119 -24.31 12.32 -11.83
C GLY B 119 -24.28 11.07 -12.71
N LYS B 120 -23.27 10.93 -13.59
CA LYS B 120 -23.17 9.81 -14.53
C LYS B 120 -22.27 8.69 -14.08
N GLU B 121 -22.84 7.64 -13.47
CA GLU B 121 -21.98 6.53 -13.07
C GLU B 121 -21.28 5.89 -14.26
N LYS B 122 -21.90 5.88 -15.44
CA LYS B 122 -21.16 5.29 -16.53
C LYS B 122 -19.96 6.10 -16.97
N ALA B 123 -20.02 7.43 -16.85
CA ALA B 123 -18.89 8.26 -17.19
C ALA B 123 -17.82 8.03 -16.17
N LEU B 124 -18.23 7.86 -14.88
CA LEU B 124 -17.25 7.60 -13.84
C LEU B 124 -16.60 6.24 -14.09
N MET B 125 -17.41 5.24 -14.50
CA MET B 125 -16.82 3.93 -14.76
C MET B 125 -15.81 4.05 -15.90
N LYS B 126 -16.13 4.89 -16.92
CA LYS B 126 -15.23 5.05 -18.03
C LYS B 126 -13.94 5.73 -17.62
N ALA B 127 -14.03 6.74 -16.73
CA ALA B 127 -12.84 7.43 -16.26
C ALA B 127 -12.01 6.52 -15.36
N VAL B 128 -12.64 5.73 -14.47
CA VAL B 128 -11.83 4.85 -13.64
C VAL B 128 -11.10 3.83 -14.51
N ALA B 129 -11.77 3.29 -15.54
CA ALA B 129 -11.12 2.29 -16.39
C ALA B 129 -9.98 2.84 -17.23
N THR B 130 -10.03 4.11 -17.61
CA THR B 130 -8.96 4.60 -18.46
C THR B 130 -7.94 5.53 -17.86
N VAL B 131 -8.29 6.26 -16.80
CA VAL B 131 -7.37 7.22 -16.23
C VAL B 131 -6.56 6.72 -15.04
N GLY B 132 -7.25 5.99 -14.14
CA GLY B 132 -6.63 5.54 -12.91
C GLY B 132 -7.55 5.97 -11.78
N PRO B 133 -7.05 6.06 -10.53
CA PRO B 133 -7.90 6.49 -9.40
C PRO B 133 -8.50 7.89 -9.60
N ILE B 134 -9.77 8.05 -9.16
CA ILE B 134 -10.51 9.30 -9.37
C ILE B 134 -10.98 9.89 -8.02
N SER B 135 -10.72 11.19 -7.84
CA SER B 135 -11.24 11.87 -6.64
C SER B 135 -12.77 11.97 -6.69
N VAL B 136 -13.46 11.71 -5.62
CA VAL B 136 -14.92 11.87 -5.61
C VAL B 136 -15.37 12.32 -4.26
N ALA B 137 -16.53 12.97 -4.21
CA ALA B 137 -17.11 13.37 -2.95
C ALA B 137 -18.28 12.47 -2.70
N MET B 138 -18.65 12.29 -1.43
CA MET B 138 -19.77 11.44 -1.07
C MET B 138 -20.47 11.92 0.19
N ASP B 139 -21.66 11.40 0.42
CA ASP B 139 -22.37 11.66 1.65
C ASP B 139 -21.94 10.57 2.65
N ALA B 140 -21.01 10.93 3.55
CA ALA B 140 -20.50 10.04 4.58
C ALA B 140 -21.17 10.32 5.93
N GLY B 141 -22.13 11.25 5.94
CA GLY B 141 -22.77 11.68 7.17
C GLY B 141 -23.84 10.78 7.73
N HIS B 142 -23.52 9.51 7.96
CA HIS B 142 -24.47 8.58 8.53
C HIS B 142 -23.74 7.68 9.46
N SER B 143 -24.37 7.28 10.56
CA SER B 143 -23.68 6.44 11.52
C SER B 143 -23.27 5.12 10.92
N SER B 144 -24.02 4.62 9.95
CA SER B 144 -23.67 3.36 9.34
C SER B 144 -22.29 3.46 8.70
N PHE B 145 -21.91 4.66 8.21
CA PHE B 145 -20.59 4.77 7.56
C PHE B 145 -19.48 4.63 8.58
N GLN B 146 -19.64 5.20 9.77
CA GLN B 146 -18.64 5.04 10.80
C GLN B 146 -18.49 3.62 11.24
N PHE B 147 -19.58 2.84 11.21
CA PHE B 147 -19.52 1.48 11.73
C PHE B 147 -19.41 0.40 10.69
N TYR B 148 -19.27 0.80 9.44
CA TYR B 148 -19.13 -0.16 8.35
C TYR B 148 -17.91 -1.04 8.56
N LYS B 149 -18.09 -2.34 8.28
CA LYS B 149 -17.00 -3.31 8.42
C LYS B 149 -16.71 -4.10 7.16
N SER B 150 -17.72 -4.57 6.46
CA SER B 150 -17.46 -5.36 5.25
C SER B 150 -18.70 -5.46 4.40
N GLY B 151 -18.53 -5.97 3.18
CA GLY B 151 -19.66 -6.12 2.30
C GLY B 151 -19.96 -4.85 1.51
N ILE B 152 -21.07 -4.85 0.75
CA ILE B 152 -21.45 -3.68 -0.03
C ILE B 152 -22.23 -2.71 0.86
N TYR B 153 -21.75 -1.49 0.95
CA TYR B 153 -22.39 -0.45 1.73
C TYR B 153 -23.56 0.16 0.95
N PHE B 154 -24.74 0.16 1.58
CA PHE B 154 -25.94 0.76 1.02
C PHE B 154 -26.69 1.38 2.18
N GLU B 155 -26.73 2.70 2.23
CA GLU B 155 -27.41 3.46 3.24
C GLU B 155 -28.69 4.09 2.67
N PRO B 156 -29.89 3.70 3.14
CA PRO B 156 -31.15 4.27 2.63
C PRO B 156 -31.28 5.76 2.72
N ASP B 157 -30.69 6.35 3.75
CA ASP B 157 -30.78 7.80 3.93
C ASP B 157 -29.70 8.55 3.17
N CYS B 158 -28.84 7.83 2.39
CA CYS B 158 -27.76 8.50 1.67
C CYS B 158 -28.23 9.48 0.64
N SER B 159 -27.57 10.63 0.54
CA SER B 159 -27.95 11.66 -0.43
C SER B 159 -26.99 11.71 -1.62
N SER B 160 -27.51 11.86 -2.83
CA SER B 160 -26.66 11.98 -4.01
C SER B 160 -26.24 13.42 -4.27
N LYS B 161 -26.72 14.38 -3.47
CA LYS B 161 -26.43 15.79 -3.72
C LYS B 161 -25.82 16.50 -2.54
N ASN B 162 -26.15 16.03 -1.34
CA ASN B 162 -25.65 16.65 -0.12
C ASN B 162 -24.45 15.84 0.33
N LEU B 163 -23.29 16.25 -0.17
CA LEU B 163 -22.01 15.56 0.06
C LEU B 163 -21.19 16.24 1.08
N ASP B 164 -20.36 15.46 1.81
CA ASP B 164 -19.55 16.05 2.87
C ASP B 164 -18.20 15.44 3.07
N HIS B 165 -17.76 14.53 2.19
CA HIS B 165 -16.49 13.85 2.46
C HIS B 165 -15.78 13.45 1.18
N GLY B 166 -14.49 13.81 1.03
CA GLY B 166 -13.75 13.41 -0.18
C GLY B 166 -13.12 12.04 0.01
N VAL B 167 -13.21 11.19 -1.00
CA VAL B 167 -12.63 9.83 -0.98
C VAL B 167 -12.04 9.59 -2.38
N LEU B 168 -11.50 8.39 -2.62
CA LEU B 168 -10.82 8.07 -3.87
C LEU B 168 -11.37 6.75 -4.42
N VAL B 169 -11.88 6.78 -5.65
CA VAL B 169 -12.35 5.55 -6.29
C VAL B 169 -11.12 4.89 -6.99
N VAL B 170 -10.72 3.70 -6.52
CA VAL B 170 -9.56 3.03 -7.11
C VAL B 170 -9.99 1.89 -8.01
N GLY B 171 -11.29 1.65 -8.18
CA GLY B 171 -11.72 0.55 -9.04
C GLY B 171 -13.18 0.25 -8.84
N TYR B 172 -13.63 -0.87 -9.37
CA TYR B 172 -15.02 -1.27 -9.24
C TYR B 172 -15.08 -2.75 -9.54
N GLY B 173 -16.15 -3.38 -9.16
CA GLY B 173 -16.23 -4.82 -9.40
C GLY B 173 -17.61 -5.30 -9.04
N PHE B 174 -17.70 -6.58 -8.72
CA PHE B 174 -18.97 -7.15 -8.36
C PHE B 174 -18.75 -8.35 -7.50
N GLU B 175 -19.75 -8.65 -6.71
CA GLU B 175 -19.67 -9.82 -5.88
C GLU B 175 -20.48 -10.92 -6.48
N GLY B 176 -20.11 -12.14 -6.15
CA GLY B 176 -20.85 -13.28 -6.63
C GLY B 176 -20.60 -13.69 -8.07
N ALA B 177 -21.52 -14.50 -8.58
CA ALA B 177 -21.42 -15.10 -9.91
C ALA B 177 -21.48 -14.19 -11.13
N ASN B 178 -22.43 -13.25 -11.19
CA ASN B 178 -22.50 -12.47 -12.41
C ASN B 178 -22.16 -11.00 -12.23
N SER B 179 -21.50 -10.48 -13.27
CA SER B 179 -20.95 -9.12 -13.36
C SER B 179 -21.96 -8.00 -13.29
N GLN B 180 -23.22 -8.29 -13.61
CA GLN B 180 -24.24 -7.25 -13.59
C GLN B 180 -25.04 -7.14 -12.31
N ASN B 181 -24.71 -7.91 -11.26
CA ASN B 181 -25.49 -7.74 -10.03
C ASN B 181 -24.51 -7.67 -8.87
N SER B 182 -24.90 -7.00 -7.77
CA SER B 182 -24.01 -6.82 -6.63
C SER B 182 -22.74 -6.03 -7.01
N LYS B 183 -22.91 -5.05 -7.84
CA LYS B 183 -21.81 -4.21 -8.26
C LYS B 183 -21.43 -3.24 -7.16
N TYR B 184 -20.17 -2.82 -7.17
CA TYR B 184 -19.70 -1.85 -6.18
C TYR B 184 -18.54 -1.04 -6.72
N TRP B 185 -18.36 0.13 -6.10
CA TRP B 185 -17.25 1.02 -6.34
C TRP B 185 -16.21 0.69 -5.27
N LEU B 186 -14.92 0.55 -5.64
CA LEU B 186 -13.90 0.30 -4.64
C LEU B 186 -13.33 1.67 -4.22
N VAL B 187 -13.61 2.04 -2.96
CA VAL B 187 -13.27 3.36 -2.44
C VAL B 187 -12.26 3.34 -1.29
N LYS B 188 -11.18 4.08 -1.48
CA LYS B 188 -10.15 4.30 -0.47
C LYS B 188 -10.59 5.48 0.41
N ASN B 189 -10.69 5.26 1.72
CA ASN B 189 -11.05 6.30 2.72
C ASN B 189 -9.73 6.80 3.38
N SER B 190 -9.82 7.82 4.23
CA SER B 190 -8.64 8.35 4.91
C SER B 190 -8.90 8.35 6.42
N TRP B 191 -9.46 7.26 6.93
CA TRP B 191 -9.73 7.12 8.35
C TRP B 191 -8.86 6.03 8.94
N GLY B 192 -7.75 5.71 8.26
CA GLY B 192 -6.84 4.67 8.71
C GLY B 192 -7.32 3.30 8.31
N PRO B 193 -6.40 2.32 8.38
CA PRO B 193 -6.71 0.93 8.04
C PRO B 193 -7.62 0.20 9.01
N GLU B 194 -7.78 0.70 10.23
CA GLU B 194 -8.65 0.00 11.18
C GLU B 194 -10.11 0.31 10.94
N TRP B 195 -10.42 1.35 10.18
CA TRP B 195 -11.81 1.66 9.86
C TRP B 195 -12.25 0.86 8.70
N GLY B 196 -13.54 0.50 8.66
CA GLY B 196 -14.08 -0.21 7.53
C GLY B 196 -13.44 -1.52 7.17
N SER B 197 -13.32 -1.75 5.87
CA SER B 197 -12.73 -2.97 5.35
C SER B 197 -11.28 -2.64 5.03
N ASN B 198 -10.46 -2.62 6.08
CA ASN B 198 -9.04 -2.29 5.95
C ASN B 198 -8.82 -0.92 5.30
N GLY B 199 -9.70 0.01 5.69
CA GLY B 199 -9.60 1.38 5.24
C GLY B 199 -10.34 1.70 3.96
N TYR B 200 -10.95 0.65 3.34
CA TYR B 200 -11.71 0.73 2.11
C TYR B 200 -13.15 0.44 2.36
N VAL B 201 -13.97 0.83 1.39
CA VAL B 201 -15.41 0.56 1.45
C VAL B 201 -15.89 0.25 0.03
N LYS B 202 -16.78 -0.73 -0.08
CA LYS B 202 -17.40 -1.09 -1.35
C LYS B 202 -18.75 -0.36 -1.36
N ILE B 203 -18.87 0.69 -2.12
CA ILE B 203 -20.15 1.40 -2.17
C ILE B 203 -20.99 0.85 -3.26
N ALA B 204 -22.30 0.69 -3.04
CA ALA B 204 -23.15 0.10 -4.09
C ALA B 204 -23.03 0.90 -5.36
N LYS B 205 -22.85 0.17 -6.51
CA LYS B 205 -22.66 0.76 -7.81
C LYS B 205 -23.89 0.51 -8.72
N ASP B 206 -24.19 1.51 -9.56
CA ASP B 206 -25.32 1.47 -10.49
C ASP B 206 -26.63 1.28 -9.76
N LYS B 207 -26.74 1.97 -8.63
CA LYS B 207 -27.92 1.99 -7.79
C LYS B 207 -28.29 3.44 -7.60
N ASN B 208 -28.46 4.13 -8.71
CA ASN B 208 -28.85 5.53 -8.71
C ASN B 208 -27.88 6.48 -8.04
N ASN B 209 -26.56 6.39 -8.38
CA ASN B 209 -25.54 7.30 -7.86
C ASN B 209 -25.58 7.31 -6.34
N HIS B 210 -25.50 6.12 -5.74
CA HIS B 210 -25.65 6.03 -4.29
C HIS B 210 -24.59 6.82 -3.53
N CYS B 211 -25.06 7.60 -2.52
CA CYS B 211 -24.25 8.48 -1.69
C CYS B 211 -23.52 9.53 -2.54
N GLY B 212 -23.92 9.74 -3.82
CA GLY B 212 -23.31 10.80 -4.62
C GLY B 212 -21.93 10.57 -5.21
N ILE B 213 -21.49 9.32 -5.33
N ILE B 213 -21.53 9.30 -5.32
CA ILE B 213 -20.14 9.08 -5.79
CA ILE B 213 -20.18 8.96 -5.77
C ILE B 213 -19.83 9.64 -7.14
C ILE B 213 -19.81 9.56 -7.11
N ALA B 214 -20.82 9.76 -8.02
CA ALA B 214 -20.52 10.32 -9.33
C ALA B 214 -20.96 11.77 -9.46
N THR B 215 -21.39 12.39 -8.35
CA THR B 215 -21.84 13.79 -8.44
C THR B 215 -20.74 14.84 -8.63
N ALA B 216 -19.58 14.63 -7.96
CA ALA B 216 -18.48 15.60 -7.99
C ALA B 216 -17.13 14.88 -8.12
N ALA B 217 -16.95 14.20 -9.25
CA ALA B 217 -15.72 13.46 -9.52
C ALA B 217 -14.76 14.23 -10.37
N SER B 218 -13.46 14.11 -10.09
CA SER B 218 -12.47 14.82 -10.88
C SER B 218 -11.10 14.19 -10.77
N TYR B 219 -10.17 14.54 -11.64
CA TYR B 219 -8.81 14.05 -11.58
C TYR B 219 -7.88 15.09 -12.09
N PRO B 220 -6.67 15.18 -11.58
CA PRO B 220 -5.69 16.15 -12.02
C PRO B 220 -5.12 15.89 -13.41
N ASN B 221 -4.69 16.96 -14.11
CA ASN B 221 -4.07 16.80 -15.43
C ASN B 221 -2.57 16.88 -15.29
N VAL B 222 -1.85 15.77 -15.53
CA VAL B 222 -0.39 15.82 -15.40
C VAL B 222 0.30 15.60 -16.74
N VAL C 1 -5.57 -3.54 20.58
CA VAL C 1 -5.72 -4.96 20.31
C VAL C 1 -5.77 -5.14 18.76
N TYR C 2 -6.49 -6.15 18.24
CA TYR C 2 -6.55 -6.31 16.78
C TYR C 2 -7.86 -6.98 16.38
N GLU C 3 -8.32 -6.62 15.20
CA GLU C 3 -9.56 -7.11 14.61
C GLU C 3 -9.32 -8.36 13.78
N LYS C 4 -10.35 -9.20 13.66
CA LYS C 4 -10.29 -10.38 12.86
C LYS C 4 -11.34 -10.26 11.79
N LYS C 5 -11.26 -11.11 10.78
CA LYS C 5 -12.22 -11.06 9.68
C LYS C 5 -13.63 -11.49 10.13
N PRO C 6 -14.70 -11.07 9.43
CA PRO C 6 -14.73 -10.20 8.25
C PRO C 6 -14.56 -8.72 8.49
N VAL D 1 -18.17 22.26 1.18
CA VAL D 1 -16.93 21.99 1.90
C VAL D 1 -16.88 20.52 2.33
N TYR D 2 -15.85 19.78 1.91
CA TYR D 2 -15.75 18.39 2.35
C TYR D 2 -14.79 18.28 3.53
N GLU D 3 -15.12 17.45 4.48
CA GLU D 3 -14.26 17.32 5.66
C GLU D 3 -13.88 15.91 5.83
N VAL E 1 12.97 -23.94 7.38
CA VAL E 1 12.49 -24.22 6.03
C VAL E 1 11.16 -23.50 5.94
N TYR E 2 11.23 -22.21 5.62
CA TYR E 2 10.01 -21.44 5.62
C TYR E 2 9.11 -21.82 4.49
N GLU E 3 7.83 -21.86 4.78
CA GLU E 3 6.85 -22.24 3.78
C GLU E 3 5.92 -21.10 3.61
#